data_5NYO
#
_entry.id   5NYO
#
_cell.length_a   62.547
_cell.length_b   62.547
_cell.length_c   138.415
_cell.angle_alpha   90.00
_cell.angle_beta   90.00
_cell.angle_gamma   90.00
#
_symmetry.space_group_name_H-M   'P 43 21 2'
#
loop_
_entity.id
_entity.type
_entity.pdbx_description
1 polymer 'Thioredoxin-like protein 2.1'
2 non-polymer 'SULFATE ION'
3 water water
#
_entity_poly.entity_id   1
_entity_poly.type   'polypeptide(L)'
_entity_poly.pdbx_seq_one_letter_code
;MATRPTSVEMEPIDDSHHLDKILLQARELSQPIIIDWMASWCRKSIYLKPKLEKLAAEYDTKIKFYSADVNKVPQALVKR
GNISKMPTIQLWKDGEMKAEVIGGHKAWLVIEEVREMIQKFV
;
_entity_poly.pdbx_strand_id   A,B
#
# COMPACT_ATOMS: atom_id res chain seq x y z
N PRO A 5 -29.38 12.14 5.91
CA PRO A 5 -28.42 12.22 7.02
C PRO A 5 -27.23 13.14 6.73
N THR A 6 -26.44 13.45 7.78
CA THR A 6 -25.26 14.32 7.67
C THR A 6 -24.07 13.59 7.03
N SER A 7 -23.85 12.32 7.43
CA SER A 7 -22.74 11.45 6.99
C SER A 7 -23.16 9.95 7.02
N VAL A 8 -23.00 9.25 5.87
CA VAL A 8 -23.29 7.81 5.70
C VAL A 8 -21.95 7.06 5.61
N GLU A 9 -21.74 6.08 6.51
CA GLU A 9 -20.50 5.30 6.59
C GLU A 9 -20.28 4.37 5.40
N MET A 10 -19.04 4.35 4.86
CA MET A 10 -18.65 3.50 3.74
C MET A 10 -18.46 2.07 4.25
N GLU A 11 -19.07 1.12 3.54
CA GLU A 11 -19.01 -0.29 3.85
C GLU A 11 -17.71 -0.91 3.28
N PRO A 12 -16.84 -1.54 4.09
CA PRO A 12 -15.64 -2.17 3.52
C PRO A 12 -15.95 -3.39 2.64
N ILE A 13 -15.16 -3.60 1.59
CA ILE A 13 -15.25 -4.76 0.70
C ILE A 13 -14.19 -5.71 1.21
N ASP A 14 -14.63 -6.87 1.67
CA ASP A 14 -13.78 -7.87 2.29
C ASP A 14 -12.92 -8.65 1.31
N ASP A 15 -13.49 -9.08 0.17
CA ASP A 15 -12.81 -9.93 -0.82
C ASP A 15 -13.51 -9.88 -2.17
N SER A 16 -13.03 -10.64 -3.15
CA SER A 16 -13.60 -10.68 -4.52
C SER A 16 -15.05 -11.18 -4.55
N HIS A 17 -15.38 -12.19 -3.72
CA HIS A 17 -16.74 -12.72 -3.62
C HIS A 17 -17.69 -11.61 -3.21
N HIS A 18 -17.30 -10.81 -2.19
CA HIS A 18 -18.07 -9.69 -1.70
C HIS A 18 -18.27 -8.64 -2.82
N LEU A 19 -17.20 -8.36 -3.60
CA LEU A 19 -17.26 -7.43 -4.73
C LEU A 19 -18.27 -7.89 -5.78
N ASP A 20 -18.25 -9.20 -6.15
CA ASP A 20 -19.19 -9.76 -7.13
C ASP A 20 -20.63 -9.60 -6.70
N LYS A 21 -20.91 -9.82 -5.40
CA LYS A 21 -22.25 -9.69 -4.80
C LYS A 21 -22.74 -8.26 -4.91
N ILE A 22 -21.85 -7.30 -4.55
CA ILE A 22 -22.09 -5.87 -4.58
C ILE A 22 -22.43 -5.39 -5.99
N LEU A 23 -21.68 -5.86 -7.00
CA LEU A 23 -21.89 -5.48 -8.40
C LEU A 23 -23.23 -5.98 -8.94
N LEU A 24 -23.60 -7.22 -8.57
CA LEU A 24 -24.88 -7.84 -8.95
C LEU A 24 -26.06 -7.08 -8.29
N GLN A 25 -25.93 -6.74 -6.99
CA GLN A 25 -26.89 -5.97 -6.20
C GLN A 25 -27.15 -4.62 -6.87
N ALA A 26 -26.08 -3.88 -7.21
CA ALA A 26 -26.14 -2.55 -7.84
C ALA A 26 -26.81 -2.57 -9.22
N ARG A 27 -26.59 -3.65 -9.98
CA ARG A 27 -27.12 -3.89 -11.31
C ARG A 27 -28.65 -4.05 -11.22
N GLU A 28 -29.13 -4.77 -10.17
CA GLU A 28 -30.57 -4.99 -9.91
C GLU A 28 -31.29 -3.68 -9.61
N LEU A 29 -30.62 -2.76 -8.88
CA LEU A 29 -31.12 -1.44 -8.50
C LEU A 29 -30.96 -0.42 -9.62
N SER A 30 -30.22 -0.81 -10.72
CA SER A 30 -29.86 0.02 -11.88
C SER A 30 -29.11 1.26 -11.36
N GLN A 31 -28.08 1.02 -10.53
CA GLN A 31 -27.30 2.10 -9.92
C GLN A 31 -25.81 1.89 -10.04
N PRO A 32 -25.03 3.00 -10.12
CA PRO A 32 -23.58 2.86 -10.01
C PRO A 32 -23.18 2.72 -8.53
N ILE A 33 -21.90 2.43 -8.26
CA ILE A 33 -21.35 2.34 -6.90
C ILE A 33 -20.03 3.05 -6.89
N ILE A 34 -19.60 3.52 -5.71
CA ILE A 34 -18.30 4.15 -5.53
C ILE A 34 -17.44 3.18 -4.74
N ILE A 35 -16.18 2.98 -5.18
CA ILE A 35 -15.19 2.21 -4.43
C ILE A 35 -14.03 3.14 -4.14
N ASP A 36 -13.78 3.38 -2.85
CA ASP A 36 -12.66 4.16 -2.36
C ASP A 36 -11.53 3.15 -2.04
N TRP A 37 -10.56 2.98 -2.96
CA TRP A 37 -9.38 2.14 -2.79
C TRP A 37 -8.37 2.95 -1.97
N MET A 38 -8.13 2.52 -0.75
CA MET A 38 -7.23 3.24 0.14
C MET A 38 -6.20 2.29 0.78
N ALA A 39 -5.19 2.84 1.46
CA ALA A 39 -4.11 2.06 2.05
C ALA A 39 -3.90 2.53 3.49
N SER A 40 -4.29 1.73 4.49
CA SER A 40 -4.19 2.11 5.92
C SER A 40 -2.75 2.41 6.38
N TRP A 41 -1.74 1.75 5.78
CA TRP A 41 -0.31 2.01 6.07
C TRP A 41 0.21 3.27 5.33
N CYS A 42 -0.68 3.98 4.61
CA CYS A 42 -0.42 5.23 3.88
C CYS A 42 -1.44 6.29 4.40
N ARG A 43 -0.94 7.29 5.14
CA ARG A 43 -1.73 8.39 5.75
C ARG A 43 -2.52 9.23 4.75
N LYS A 44 -1.97 9.47 3.54
CA LYS A 44 -2.59 10.24 2.44
C LYS A 44 -3.92 9.63 1.93
N SER A 45 -4.24 8.38 2.36
CA SER A 45 -5.44 7.63 1.99
C SER A 45 -6.60 7.73 3.02
N ILE A 46 -6.29 7.69 4.33
CA ILE A 46 -7.26 7.73 5.43
C ILE A 46 -7.83 9.14 5.73
N TYR A 47 -7.04 10.23 5.54
CA TYR A 47 -7.45 11.61 5.86
C TYR A 47 -8.73 12.12 5.10
N LEU A 48 -9.11 11.47 4.01
CA LEU A 48 -10.24 11.83 3.14
C LEU A 48 -11.59 11.19 3.54
N LYS A 49 -11.54 10.10 4.34
CA LYS A 49 -12.67 9.29 4.82
C LYS A 49 -13.89 10.11 5.32
N PRO A 50 -13.79 11.11 6.25
CA PRO A 50 -15.01 11.80 6.72
C PRO A 50 -15.72 12.63 5.65
N LYS A 51 -14.96 13.20 4.71
CA LYS A 51 -15.49 14.03 3.63
C LYS A 51 -16.20 13.17 2.57
N LEU A 52 -15.70 11.93 2.35
CA LEU A 52 -16.32 10.97 1.43
C LEU A 52 -17.62 10.45 2.04
N GLU A 53 -17.63 10.25 3.38
CA GLU A 53 -18.81 9.80 4.15
C GLU A 53 -19.87 10.91 4.18
N LYS A 54 -19.42 12.18 4.22
CA LYS A 54 -20.29 13.35 4.15
C LYS A 54 -20.87 13.47 2.72
N LEU A 55 -20.06 13.13 1.70
CA LEU A 55 -20.50 13.12 0.30
C LEU A 55 -21.46 11.94 0.01
N ALA A 56 -21.22 10.76 0.63
CA ALA A 56 -22.08 9.57 0.54
C ALA A 56 -23.49 9.88 1.03
N ALA A 57 -23.64 10.87 1.95
CA ALA A 57 -24.94 11.31 2.46
C ALA A 57 -25.70 12.13 1.42
N GLU A 58 -24.98 12.95 0.61
CA GLU A 58 -25.54 13.79 -0.46
C GLU A 58 -26.17 12.94 -1.57
N TYR A 59 -25.78 11.65 -1.65
CA TYR A 59 -26.24 10.68 -2.65
C TYR A 59 -26.91 9.43 -2.05
N ASP A 60 -27.39 9.51 -0.79
CA ASP A 60 -28.06 8.43 -0.09
C ASP A 60 -29.33 8.00 -0.83
N THR A 61 -29.45 6.67 -1.06
CA THR A 61 -30.48 5.92 -1.79
C THR A 61 -30.23 5.98 -3.31
N LYS A 62 -29.27 6.81 -3.75
CA LYS A 62 -28.93 6.95 -5.18
C LYS A 62 -27.68 6.17 -5.58
N ILE A 63 -26.59 6.24 -4.78
CA ILE A 63 -25.30 5.57 -5.03
C ILE A 63 -24.71 5.14 -3.70
N LYS A 64 -24.42 3.85 -3.56
CA LYS A 64 -23.75 3.29 -2.39
C LYS A 64 -22.23 3.51 -2.56
N PHE A 65 -21.55 3.80 -1.44
CA PHE A 65 -20.10 4.05 -1.36
C PHE A 65 -19.48 2.92 -0.55
N TYR A 66 -18.37 2.40 -1.04
CA TYR A 66 -17.63 1.31 -0.39
C TYR A 66 -16.19 1.69 -0.31
N SER A 67 -15.46 1.05 0.61
CA SER A 67 -14.03 1.26 0.75
C SER A 67 -13.31 -0.08 0.58
N ALA A 68 -12.06 -0.04 0.18
CA ALA A 68 -11.24 -1.24 0.03
C ALA A 68 -9.80 -0.90 0.41
N ASP A 69 -9.34 -1.50 1.51
CA ASP A 69 -7.99 -1.29 2.02
C ASP A 69 -7.06 -2.31 1.38
N VAL A 70 -6.15 -1.85 0.50
CA VAL A 70 -5.20 -2.71 -0.21
C VAL A 70 -4.21 -3.39 0.74
N ASN A 71 -4.02 -2.82 1.95
CA ASN A 71 -3.14 -3.37 2.97
C ASN A 71 -3.78 -4.43 3.87
N LYS A 72 -5.07 -4.77 3.66
CA LYS A 72 -5.78 -5.76 4.50
C LYS A 72 -6.48 -6.89 3.74
N VAL A 73 -7.02 -6.59 2.57
CA VAL A 73 -7.79 -7.50 1.72
C VAL A 73 -6.90 -8.45 0.86
N PRO A 74 -7.43 -9.61 0.39
CA PRO A 74 -6.63 -10.49 -0.49
C PRO A 74 -6.15 -9.76 -1.74
N GLN A 75 -4.97 -10.16 -2.29
CA GLN A 75 -4.37 -9.57 -3.49
C GLN A 75 -5.31 -9.73 -4.70
N ALA A 76 -6.11 -10.82 -4.72
CA ALA A 76 -7.11 -11.11 -5.74
C ALA A 76 -8.14 -9.97 -5.83
N LEU A 77 -8.55 -9.40 -4.67
CA LEU A 77 -9.46 -8.25 -4.66
C LEU A 77 -8.75 -7.00 -5.18
N VAL A 78 -7.54 -6.73 -4.66
CA VAL A 78 -6.72 -5.56 -5.06
C VAL A 78 -6.58 -5.52 -6.60
N LYS A 79 -6.31 -6.69 -7.22
CA LYS A 79 -6.15 -6.88 -8.67
C LYS A 79 -7.33 -6.33 -9.50
N ARG A 80 -8.57 -6.42 -8.95
CA ARG A 80 -9.81 -5.99 -9.60
C ARG A 80 -9.86 -4.47 -9.81
N GLY A 81 -9.19 -3.74 -8.93
CA GLY A 81 -9.12 -2.29 -9.03
C GLY A 81 -8.18 -1.74 -10.10
N ASN A 82 -7.24 -2.58 -10.64
CA ASN A 82 -6.23 -2.17 -11.64
CA ASN A 82 -6.24 -2.18 -11.63
C ASN A 82 -5.66 -0.80 -11.22
N ILE A 83 -5.17 -0.75 -9.98
CA ILE A 83 -4.62 0.43 -9.29
C ILE A 83 -3.24 0.78 -9.80
N SER A 84 -2.96 2.09 -9.97
CA SER A 84 -1.63 2.59 -10.36
C SER A 84 -1.10 3.54 -9.28
N LYS A 85 -1.95 4.46 -8.81
CA LYS A 85 -1.64 5.43 -7.75
C LYS A 85 -2.70 5.36 -6.66
N MET A 86 -2.37 5.80 -5.44
CA MET A 86 -3.27 5.74 -4.30
C MET A 86 -3.47 7.10 -3.58
N PRO A 87 -4.68 7.42 -3.05
CA PRO A 87 -5.93 6.63 -3.15
C PRO A 87 -6.60 6.77 -4.52
N THR A 88 -7.49 5.82 -4.85
CA THR A 88 -8.28 5.88 -6.08
C THR A 88 -9.74 5.69 -5.73
N ILE A 89 -10.58 6.62 -6.18
CA ILE A 89 -12.02 6.59 -5.98
C ILE A 89 -12.59 6.26 -7.34
N GLN A 90 -13.15 5.05 -7.46
CA GLN A 90 -13.69 4.55 -8.72
C GLN A 90 -15.19 4.47 -8.72
N LEU A 91 -15.75 4.67 -9.90
CA LEU A 91 -17.19 4.50 -10.09
C LEU A 91 -17.33 3.22 -10.88
N TRP A 92 -18.20 2.33 -10.39
CA TRP A 92 -18.48 1.08 -11.05
C TRP A 92 -19.95 1.03 -11.43
N LYS A 93 -20.26 0.47 -12.59
CA LYS A 93 -21.64 0.33 -13.07
C LYS A 93 -21.69 -0.82 -14.08
N ASP A 94 -22.82 -1.55 -14.13
CA ASP A 94 -23.01 -2.69 -15.03
C ASP A 94 -21.90 -3.77 -14.87
N GLY A 95 -21.42 -3.95 -13.64
CA GLY A 95 -20.39 -4.92 -13.29
C GLY A 95 -18.96 -4.59 -13.65
N GLU A 96 -18.67 -3.33 -14.01
CA GLU A 96 -17.32 -2.92 -14.39
C GLU A 96 -16.98 -1.49 -13.99
N MET A 97 -15.66 -1.20 -13.91
CA MET A 97 -15.13 0.11 -13.60
C MET A 97 -15.48 1.05 -14.76
N LYS A 98 -16.16 2.15 -14.47
CA LYS A 98 -16.54 3.11 -15.51
C LYS A 98 -15.60 4.31 -15.55
N ALA A 99 -15.15 4.79 -14.37
CA ALA A 99 -14.23 5.93 -14.26
C ALA A 99 -13.57 5.97 -12.89
N GLU A 100 -12.61 6.88 -12.72
CA GLU A 100 -11.88 7.05 -11.46
C GLU A 100 -11.35 8.46 -11.24
N VAL A 101 -11.13 8.79 -9.96
CA VAL A 101 -10.56 10.04 -9.51
C VAL A 101 -9.37 9.63 -8.65
N ILE A 102 -8.16 9.91 -9.13
CA ILE A 102 -6.95 9.61 -8.38
C ILE A 102 -6.81 10.72 -7.36
N GLY A 103 -7.07 10.38 -6.10
N GLY A 103 -6.58 10.33 -6.11
CA GLY A 103 -7.17 11.31 -4.97
CA GLY A 103 -6.32 11.26 -5.01
C GLY A 103 -5.89 11.84 -4.36
C GLY A 103 -4.95 11.87 -5.07
N GLY A 104 -4.94 12.24 -5.21
N GLY A 104 -4.53 12.47 -3.96
CA GLY A 104 -3.67 12.81 -4.79
CA GLY A 104 -3.25 13.16 -3.84
C GLY A 104 -3.64 14.34 -4.88
C GLY A 104 -3.45 14.67 -3.81
N HIS A 105 -4.76 14.98 -4.51
N HIS A 105 -4.52 15.13 -4.48
CA HIS A 105 -4.95 16.44 -4.50
CA HIS A 105 -4.91 16.53 -4.53
C HIS A 105 -5.65 16.89 -3.21
C HIS A 105 -5.65 16.92 -3.24
N LYS A 106 -5.87 18.23 -3.03
CA LYS A 106 -6.59 18.79 -1.86
C LYS A 106 -8.02 18.22 -1.80
N ALA A 107 -8.49 17.89 -0.58
CA ALA A 107 -9.80 17.31 -0.31
C ALA A 107 -10.96 17.98 -1.05
N TRP A 108 -11.08 19.31 -0.94
CA TRP A 108 -12.16 20.05 -1.60
C TRP A 108 -12.20 19.76 -3.11
N LEU A 109 -11.00 19.67 -3.74
CA LEU A 109 -10.87 19.40 -5.17
C LEU A 109 -11.25 17.96 -5.54
N VAL A 110 -10.74 16.98 -4.78
CA VAL A 110 -11.03 15.54 -4.93
C VAL A 110 -12.55 15.30 -4.78
N ILE A 111 -13.19 15.95 -3.79
CA ILE A 111 -14.63 15.84 -3.58
C ILE A 111 -15.41 16.40 -4.80
N GLU A 112 -15.03 17.60 -5.33
CA GLU A 112 -15.69 18.17 -6.52
C GLU A 112 -15.53 17.27 -7.76
N GLU A 113 -14.35 16.65 -7.93
CA GLU A 113 -14.10 15.72 -9.04
C GLU A 113 -14.93 14.43 -8.89
N VAL A 114 -15.18 13.99 -7.63
CA VAL A 114 -16.02 12.83 -7.38
C VAL A 114 -17.49 13.20 -7.71
N ARG A 115 -17.95 14.41 -7.33
CA ARG A 115 -19.29 14.90 -7.69
C ARG A 115 -19.47 14.92 -9.23
N GLU A 116 -18.42 15.36 -9.96
CA GLU A 116 -18.42 15.44 -11.43
C GLU A 116 -18.53 14.04 -12.03
N MET A 117 -17.72 13.08 -11.55
CA MET A 117 -17.74 11.69 -11.98
C MET A 117 -19.15 11.07 -11.75
N ILE A 118 -19.73 11.22 -10.56
CA ILE A 118 -21.08 10.72 -10.23
C ILE A 118 -22.16 11.26 -11.20
N GLN A 119 -22.22 12.59 -11.38
CA GLN A 119 -23.16 13.29 -12.26
C GLN A 119 -23.16 12.71 -13.68
N LYS A 120 -21.95 12.41 -14.21
CA LYS A 120 -21.69 11.82 -15.53
C LYS A 120 -22.28 10.40 -15.72
N PHE A 121 -22.45 9.60 -14.63
CA PHE A 121 -22.93 8.21 -14.73
C PHE A 121 -24.20 7.85 -13.93
N VAL A 122 -24.78 8.81 -13.20
CA VAL A 122 -25.99 8.58 -12.42
C VAL A 122 -27.26 8.74 -13.28
N ARG B 4 34.77 -0.71 -5.17
CA ARG B 4 33.50 -0.61 -4.45
C ARG B 4 32.49 0.25 -5.25
N PRO B 5 31.18 -0.16 -5.36
CA PRO B 5 30.23 0.68 -6.10
C PRO B 5 29.62 1.82 -5.27
N THR B 6 29.07 2.84 -5.96
CA THR B 6 28.44 4.03 -5.36
C THR B 6 27.00 3.73 -4.88
N SER B 7 26.37 2.72 -5.48
CA SER B 7 25.00 2.30 -5.25
C SER B 7 24.86 0.82 -5.55
N VAL B 8 24.07 0.10 -4.74
CA VAL B 8 23.79 -1.33 -4.91
C VAL B 8 22.29 -1.43 -4.85
N GLU B 9 21.64 -1.83 -5.96
CA GLU B 9 20.18 -1.93 -5.96
C GLU B 9 19.76 -3.05 -5.05
N MET B 10 18.63 -2.86 -4.38
CA MET B 10 18.06 -3.83 -3.48
C MET B 10 17.36 -4.84 -4.34
N GLU B 11 17.49 -6.12 -3.97
CA GLU B 11 16.87 -7.22 -4.67
C GLU B 11 15.45 -7.39 -4.13
N PRO B 12 14.43 -7.41 -5.02
CA PRO B 12 13.05 -7.66 -4.55
C PRO B 12 12.84 -9.08 -4.01
N ILE B 13 11.93 -9.23 -3.05
CA ILE B 13 11.53 -10.54 -2.54
C ILE B 13 10.15 -10.80 -3.14
N ASP B 14 9.98 -11.88 -3.92
CA ASP B 14 8.72 -12.18 -4.61
C ASP B 14 7.64 -12.82 -3.73
N ASP B 15 8.02 -13.76 -2.85
CA ASP B 15 7.07 -14.47 -2.00
C ASP B 15 7.72 -14.95 -0.71
N SER B 16 6.93 -15.69 0.11
CA SER B 16 7.34 -16.33 1.37
C SER B 16 8.44 -17.38 1.13
N HIS B 17 8.33 -18.15 0.03
CA HIS B 17 9.30 -19.16 -0.35
C HIS B 17 10.65 -18.54 -0.68
N HIS B 18 10.61 -17.36 -1.33
CA HIS B 18 11.79 -16.62 -1.69
C HIS B 18 12.42 -16.05 -0.40
N LEU B 19 11.58 -15.61 0.56
CA LEU B 19 12.05 -15.13 1.86
C LEU B 19 12.77 -16.24 2.63
N ASP B 20 12.20 -17.47 2.65
CA ASP B 20 12.77 -18.66 3.31
C ASP B 20 14.17 -18.98 2.79
N LYS B 21 14.33 -18.99 1.45
CA LYS B 21 15.58 -19.27 0.74
C LYS B 21 16.65 -18.24 1.14
N ILE B 22 16.32 -16.94 1.03
CA ILE B 22 17.16 -15.78 1.39
C ILE B 22 17.75 -15.89 2.81
N LEU B 23 16.91 -16.26 3.79
CA LEU B 23 17.29 -16.42 5.18
C LEU B 23 18.27 -17.56 5.40
N LEU B 24 18.13 -18.65 4.60
CA LEU B 24 19.03 -19.80 4.61
C LEU B 24 20.39 -19.45 4.04
N GLN B 25 20.40 -18.81 2.84
CA GLN B 25 21.60 -18.32 2.15
C GLN B 25 22.44 -17.43 3.09
N ALA B 26 21.77 -16.52 3.82
CA ALA B 26 22.39 -15.59 4.77
C ALA B 26 22.99 -16.32 6.00
N ARG B 27 22.25 -17.30 6.57
CA ARG B 27 22.65 -18.14 7.70
C ARG B 27 23.97 -18.88 7.36
N GLU B 28 24.08 -19.43 6.12
CA GLU B 28 25.26 -20.11 5.57
C GLU B 28 26.47 -19.16 5.61
N LEU B 29 26.26 -17.88 5.23
CA LEU B 29 27.26 -16.81 5.23
C LEU B 29 27.47 -16.24 6.63
N SER B 30 26.59 -16.57 7.60
CA SER B 30 26.58 -16.08 8.99
C SER B 30 26.47 -14.52 9.00
N GLN B 31 25.67 -14.00 8.05
CA GLN B 31 25.44 -12.58 7.82
C GLN B 31 24.02 -12.16 8.08
N PRO B 32 23.80 -10.90 8.52
CA PRO B 32 22.43 -10.42 8.62
C PRO B 32 21.94 -9.93 7.24
N ILE B 33 20.65 -9.68 7.11
CA ILE B 33 20.05 -9.13 5.90
C ILE B 33 19.21 -7.93 6.28
N ILE B 34 19.00 -7.03 5.33
CA ILE B 34 18.12 -5.90 5.49
C ILE B 34 16.93 -6.12 4.60
N ILE B 35 15.72 -5.89 5.14
CA ILE B 35 14.50 -5.95 4.35
C ILE B 35 13.83 -4.59 4.42
N ASP B 36 13.68 -3.96 3.27
CA ASP B 36 12.97 -2.70 3.16
C ASP B 36 11.52 -3.03 2.75
N TRP B 37 10.61 -3.07 3.73
CA TRP B 37 9.19 -3.32 3.45
C TRP B 37 8.63 -1.98 3.02
N MET B 38 8.40 -1.84 1.71
CA MET B 38 7.91 -0.60 1.11
C MET B 38 6.58 -0.82 0.36
N ALA B 39 5.97 0.26 -0.11
CA ALA B 39 4.70 0.30 -0.81
C ALA B 39 4.81 1.28 -2.01
N SER B 40 4.94 0.73 -3.23
CA SER B 40 5.09 1.51 -4.48
C SER B 40 3.93 2.46 -4.81
N TRP B 41 2.72 2.22 -4.22
CA TRP B 41 1.58 3.13 -4.43
C TRP B 41 1.56 4.27 -3.40
N CYS B 42 2.50 4.24 -2.43
CA CYS B 42 2.68 5.23 -1.37
C CYS B 42 4.04 5.94 -1.63
N ARG B 43 3.99 7.25 -1.97
CA ARG B 43 5.11 8.12 -2.35
C ARG B 43 6.33 8.10 -1.40
N LYS B 44 6.10 8.04 -0.07
CA LYS B 44 7.16 8.03 0.96
C LYS B 44 8.11 6.81 0.90
N SER B 45 7.65 5.68 0.30
CA SER B 45 8.42 4.44 0.16
C SER B 45 9.29 4.43 -1.12
N ILE B 46 8.75 4.95 -2.25
CA ILE B 46 9.46 5.01 -3.54
C ILE B 46 10.62 6.04 -3.55
N TYR B 47 10.59 7.05 -2.64
CA TYR B 47 11.66 8.05 -2.61
C TYR B 47 12.83 7.66 -1.67
N LEU B 48 12.58 6.90 -0.59
CA LEU B 48 13.65 6.51 0.35
C LEU B 48 14.60 5.47 -0.28
N LYS B 49 14.06 4.65 -1.22
CA LYS B 49 14.77 3.62 -2.01
C LYS B 49 16.22 4.04 -2.44
N PRO B 50 16.46 5.15 -3.21
CA PRO B 50 17.86 5.50 -3.58
C PRO B 50 18.82 5.83 -2.44
N LYS B 51 18.28 6.30 -1.30
CA LYS B 51 19.06 6.64 -0.10
C LYS B 51 19.62 5.34 0.49
N LEU B 52 18.76 4.30 0.58
CA LEU B 52 19.06 2.94 1.04
C LEU B 52 20.06 2.22 0.14
N GLU B 53 19.99 2.46 -1.18
CA GLU B 53 20.89 1.87 -2.18
C GLU B 53 22.30 2.40 -2.02
N LYS B 54 22.44 3.68 -1.65
CA LYS B 54 23.72 4.32 -1.33
C LYS B 54 24.28 3.62 -0.06
N LEU B 55 23.45 3.49 1.00
CA LEU B 55 23.83 2.80 2.25
C LEU B 55 24.19 1.31 1.99
N ALA B 56 23.46 0.60 1.08
CA ALA B 56 23.74 -0.81 0.73
C ALA B 56 25.15 -1.02 0.15
N ALA B 57 25.63 -0.03 -0.67
CA ALA B 57 26.97 -0.04 -1.31
C ALA B 57 28.12 -0.01 -0.30
N GLU B 58 27.94 0.71 0.83
CA GLU B 58 28.92 0.79 1.93
C GLU B 58 29.10 -0.56 2.62
N TYR B 59 28.08 -1.43 2.55
CA TYR B 59 28.07 -2.73 3.21
C TYR B 59 28.10 -3.92 2.25
N ASP B 60 28.65 -3.71 1.03
CA ASP B 60 28.77 -4.76 0.01
C ASP B 60 29.68 -5.89 0.51
N THR B 61 29.18 -7.15 0.41
CA THR B 61 29.76 -8.44 0.82
C THR B 61 29.65 -8.67 2.36
N LYS B 62 28.94 -7.78 3.07
CA LYS B 62 28.79 -7.90 4.52
C LYS B 62 27.31 -8.08 4.93
N ILE B 63 26.39 -7.38 4.23
CA ILE B 63 24.94 -7.43 4.50
C ILE B 63 24.27 -7.22 3.18
N LYS B 64 23.41 -8.15 2.77
CA LYS B 64 22.65 -8.00 1.54
C LYS B 64 21.33 -7.25 1.87
N PHE B 65 20.91 -6.33 1.00
CA PHE B 65 19.69 -5.55 1.19
C PHE B 65 18.67 -6.02 0.18
N TYR B 66 17.43 -6.16 0.66
CA TYR B 66 16.29 -6.61 -0.10
C TYR B 66 15.12 -5.68 0.06
N SER B 67 14.21 -5.68 -0.91
CA SER B 67 12.98 -4.91 -0.77
C SER B 67 11.81 -5.85 -0.91
N ALA B 68 10.70 -5.50 -0.26
CA ALA B 68 9.45 -6.23 -0.33
C ALA B 68 8.37 -5.22 -0.53
N ASP B 69 7.79 -5.16 -1.76
CA ASP B 69 6.70 -4.24 -2.08
C ASP B 69 5.36 -4.89 -1.66
N VAL B 70 4.72 -4.33 -0.61
CA VAL B 70 3.44 -4.80 -0.03
C VAL B 70 2.26 -4.63 -1.00
N ASN B 71 2.44 -3.81 -2.03
CA ASN B 71 1.43 -3.55 -3.05
C ASN B 71 1.52 -4.55 -4.24
N LYS B 72 2.56 -5.42 -4.27
CA LYS B 72 2.80 -6.39 -5.37
C LYS B 72 2.97 -7.84 -4.93
N VAL B 73 3.29 -8.08 -3.68
CA VAL B 73 3.55 -9.44 -3.21
C VAL B 73 2.29 -10.05 -2.53
N PRO B 74 2.20 -11.41 -2.41
CA PRO B 74 1.04 -12.02 -1.72
C PRO B 74 1.01 -11.63 -0.24
N GLN B 75 -0.21 -11.60 0.35
CA GLN B 75 -0.47 -11.29 1.77
C GLN B 75 0.28 -12.24 2.71
N ALA B 76 0.62 -13.46 2.23
CA ALA B 76 1.40 -14.44 2.99
C ALA B 76 2.78 -13.85 3.31
N LEU B 77 3.45 -13.25 2.30
CA LEU B 77 4.74 -12.59 2.48
C LEU B 77 4.59 -11.32 3.32
N VAL B 78 3.60 -10.48 2.99
CA VAL B 78 3.29 -9.24 3.72
C VAL B 78 3.20 -9.56 5.22
N LYS B 79 2.44 -10.64 5.58
CA LYS B 79 2.23 -11.14 6.95
C LYS B 79 3.53 -11.39 7.72
N ARG B 80 4.56 -11.98 7.06
CA ARG B 80 5.88 -12.28 7.66
C ARG B 80 6.60 -11.00 8.17
N GLY B 81 6.17 -9.85 7.67
CA GLY B 81 6.75 -8.56 8.05
C GLY B 81 6.25 -7.98 9.36
N ASN B 82 5.03 -8.39 9.81
CA ASN B 82 4.36 -7.86 11.02
C ASN B 82 4.32 -6.32 10.95
N ILE B 83 3.77 -5.79 9.83
CA ILE B 83 3.72 -4.36 9.51
C ILE B 83 2.61 -3.64 10.28
N SER B 84 2.98 -2.52 10.94
CA SER B 84 2.06 -1.65 11.69
C SER B 84 2.01 -0.28 10.97
N LYS B 85 3.19 0.30 10.70
CA LYS B 85 3.39 1.58 10.00
C LYS B 85 4.31 1.38 8.80
N MET B 86 4.32 2.34 7.87
CA MET B 86 5.15 2.26 6.68
C MET B 86 5.93 3.54 6.37
N PRO B 87 7.15 3.44 5.80
CA PRO B 87 7.93 2.24 5.49
C PRO B 87 8.54 1.61 6.73
N THR B 88 8.98 0.36 6.63
CA THR B 88 9.58 -0.41 7.72
C THR B 88 10.84 -1.10 7.17
N ILE B 89 12.00 -0.76 7.74
CA ILE B 89 13.30 -1.35 7.38
C ILE B 89 13.71 -2.28 8.52
N GLN B 90 13.80 -3.58 8.23
CA GLN B 90 14.12 -4.58 9.25
C GLN B 90 15.49 -5.21 9.06
N LEU B 91 16.13 -5.60 10.16
CA LEU B 91 17.37 -6.35 10.15
C LEU B 91 17.01 -7.78 10.58
N TRP B 92 17.35 -8.76 9.75
CA TRP B 92 17.08 -10.16 10.05
C TRP B 92 18.39 -10.91 10.10
N LYS B 93 18.50 -11.84 11.05
CA LYS B 93 19.68 -12.69 11.26
C LYS B 93 19.24 -14.00 11.88
N ASP B 94 19.86 -15.12 11.44
CA ASP B 94 19.58 -16.48 11.91
C ASP B 94 18.09 -16.87 11.78
N GLY B 95 17.51 -16.51 10.62
CA GLY B 95 16.14 -16.80 10.25
C GLY B 95 15.06 -16.01 10.97
N GLU B 96 15.43 -14.91 11.63
CA GLU B 96 14.44 -14.12 12.37
C GLU B 96 14.73 -12.64 12.35
N MET B 97 13.66 -11.88 12.60
CA MET B 97 13.62 -10.45 12.72
C MET B 97 14.35 -10.07 14.00
N LYS B 98 15.39 -9.22 13.89
CA LYS B 98 16.20 -8.82 15.05
C LYS B 98 15.87 -7.39 15.51
N ALA B 99 15.67 -6.48 14.54
CA ALA B 99 15.35 -5.07 14.81
C ALA B 99 14.71 -4.45 13.60
N GLU B 100 14.08 -3.28 13.78
CA GLU B 100 13.47 -2.51 12.71
C GLU B 100 13.49 -1.00 12.97
N VAL B 101 13.44 -0.22 11.89
CA VAL B 101 13.36 1.24 11.88
C VAL B 101 12.05 1.54 11.10
N ILE B 102 11.28 2.51 11.57
CA ILE B 102 10.08 2.97 10.87
C ILE B 102 10.43 4.32 10.22
N GLY B 103 9.94 4.55 8.99
CA GLY B 103 10.15 5.80 8.26
C GLY B 103 9.40 6.96 8.88
N GLY B 104 8.68 7.71 8.05
CA GLY B 104 7.87 8.85 8.54
C GLY B 104 8.62 10.13 8.84
N HIS B 105 9.95 10.02 9.08
CA HIS B 105 10.88 11.14 9.33
C HIS B 105 11.50 11.48 7.98
N LYS B 106 12.32 12.55 7.92
CA LYS B 106 13.06 12.94 6.73
C LYS B 106 14.03 11.78 6.42
N ALA B 107 14.16 11.41 5.13
CA ALA B 107 14.95 10.28 4.62
C ALA B 107 16.34 10.11 5.22
N TRP B 108 17.08 11.20 5.43
CA TRP B 108 18.46 11.12 5.93
C TRP B 108 18.55 10.72 7.41
N LEU B 109 17.52 11.05 8.21
CA LEU B 109 17.44 10.67 9.62
C LEU B 109 17.09 9.18 9.68
N VAL B 110 16.21 8.73 8.78
CA VAL B 110 15.80 7.32 8.66
C VAL B 110 17.03 6.46 8.34
N ILE B 111 17.87 6.93 7.42
CA ILE B 111 19.09 6.26 6.98
C ILE B 111 20.10 6.13 8.13
N GLU B 112 20.28 7.20 8.91
CA GLU B 112 21.15 7.20 10.09
C GLU B 112 20.65 6.23 11.19
N GLU B 113 19.33 6.00 11.31
CA GLU B 113 18.74 5.01 12.22
C GLU B 113 19.05 3.59 11.67
N VAL B 114 18.91 3.38 10.36
CA VAL B 114 19.21 2.08 9.74
C VAL B 114 20.72 1.75 9.92
N ARG B 115 21.60 2.77 9.75
CA ARG B 115 23.05 2.65 9.95
C ARG B 115 23.38 2.19 11.37
N GLU B 116 22.73 2.79 12.40
CA GLU B 116 22.93 2.41 13.80
C GLU B 116 22.51 0.96 14.05
N MET B 117 21.36 0.55 13.46
CA MET B 117 20.81 -0.80 13.57
C MET B 117 21.79 -1.82 12.99
N ILE B 118 22.35 -1.53 11.81
CA ILE B 118 23.36 -2.35 11.15
C ILE B 118 24.61 -2.53 12.02
N GLN B 119 25.16 -1.42 12.56
CA GLN B 119 26.37 -1.45 13.42
C GLN B 119 26.17 -2.31 14.68
N LYS B 120 24.96 -2.29 15.24
CA LYS B 120 24.55 -3.07 16.41
C LYS B 120 24.52 -4.61 16.14
N PHE B 121 24.40 -5.05 14.87
CA PHE B 121 24.31 -6.47 14.52
C PHE B 121 25.32 -7.03 13.50
N VAL B 122 26.11 -6.16 12.82
CA VAL B 122 27.09 -6.63 11.84
C VAL B 122 28.34 -7.21 12.53
#